data_2OG4
#
_entry.id   2OG4
#
_cell.length_a   78.465
_cell.length_b   78.465
_cell.length_c   122.812
_cell.angle_alpha   90.00
_cell.angle_beta   90.00
_cell.angle_gamma   90.00
#
_symmetry.space_group_name_H-M   'P 42 21 2'
#
loop_
_entity.id
_entity.type
_entity.pdbx_description
1 polymer 'Pre-mRNA-splicing factor 8'
2 water water
#
_entity_poly.entity_id   1
_entity_poly.type   'polypeptide(L)'
_entity_poly.pdbx_seq_one_letter_code
;GAMSSKNEWRKSAIANTLLYLRLKNIYVSADDFVEEQNVYVLPKNLLKKFIEISDVKIQVAAFIYGMSAKDHPKVKEIKT
VVLVPQLGHVGSVQISNIPDIGDLPDTEGLELLGWIHTQTEELKFMAASEVATHSKLFADKKRDCIDISIFSTPGSVSLS
AYNLTDEGYQWGEENKDIMNVLSEGFEPTFSTHAQLLLSDRITGNFIIPSGNVWNYTFMGTAFNQEGDYNFKYGIPLEFY
NEMHRPVHFLQFSE
;
_entity_poly.pdbx_strand_id   A
#
# COMPACT_ATOMS: atom_id res chain seq x y z
N SER A 5 -12.25 20.38 11.02
CA SER A 5 -13.66 20.81 10.81
C SER A 5 -14.61 19.60 10.82
N LYS A 6 -15.68 19.70 11.60
CA LYS A 6 -16.71 18.67 11.65
C LYS A 6 -17.42 18.52 10.30
N ASN A 7 -17.70 19.64 9.66
CA ASN A 7 -18.37 19.64 8.37
C ASN A 7 -17.54 19.01 7.24
N GLU A 8 -16.25 19.35 7.20
CA GLU A 8 -15.34 18.78 6.21
C GLU A 8 -15.14 17.27 6.40
N TRP A 9 -15.05 16.84 7.66
CA TRP A 9 -14.97 15.42 8.02
C TRP A 9 -16.19 14.65 7.49
N ARG A 10 -17.38 15.22 7.70
N ARG A 10 -17.39 15.20 7.70
CA ARG A 10 -18.64 14.64 7.24
CA ARG A 10 -18.62 14.58 7.22
C ARG A 10 -18.71 14.52 5.71
C ARG A 10 -18.69 14.50 5.69
N LYS A 11 -18.36 15.61 5.02
CA LYS A 11 -18.32 15.64 3.54
C LYS A 11 -17.33 14.64 2.92
N SER A 12 -16.16 14.51 3.56
CA SER A 12 -15.11 13.63 3.06
C SER A 12 -15.46 12.14 3.23
N ALA A 13 -16.12 11.82 4.35
CA ALA A 13 -16.65 10.46 4.58
C ALA A 13 -17.70 10.07 3.53
N ILE A 14 -18.60 11.00 3.21
CA ILE A 14 -19.61 10.79 2.15
C ILE A 14 -18.95 10.56 0.77
N ALA A 15 -17.93 11.33 0.45
CA ALA A 15 -17.22 11.22 -0.83
C ALA A 15 -16.68 9.80 -1.07
N ASN A 16 -16.26 9.14 0.02
CA ASN A 16 -15.71 7.78 -0.06
C ASN A 16 -16.75 6.67 -0.22
N THR A 17 -18.02 6.97 0.08
CA THR A 17 -19.09 5.97 -0.03
C THR A 17 -19.38 5.53 -1.47
N LEU A 18 -18.84 6.25 -2.46
CA LEU A 18 -19.02 5.85 -3.86
C LEU A 18 -17.81 5.12 -4.48
N LEU A 19 -16.79 4.87 -3.67
CA LEU A 19 -15.54 4.28 -4.15
C LEU A 19 -15.71 2.88 -4.76
N TYR A 20 -16.75 2.17 -4.31
CA TYR A 20 -17.05 0.83 -4.84
C TYR A 20 -17.38 0.85 -6.34
N LEU A 21 -17.88 1.98 -6.83
CA LEU A 21 -18.22 2.13 -8.25
C LEU A 21 -17.00 2.10 -9.20
N ARG A 22 -15.82 2.44 -8.67
CA ARG A 22 -14.59 2.43 -9.47
C ARG A 22 -14.16 0.99 -9.82
N LEU A 23 -14.65 0.01 -9.06
CA LEU A 23 -14.41 -1.41 -9.33
C LEU A 23 -15.21 -1.95 -10.53
N LYS A 24 -16.10 -1.12 -11.06
CA LYS A 24 -16.84 -1.47 -12.27
C LYS A 24 -15.98 -1.33 -13.54
N ASN A 25 -14.88 -0.57 -13.44
CA ASN A 25 -13.91 -0.40 -14.53
C ASN A 25 -12.48 -0.55 -14.05
N ILE A 26 -11.93 -1.76 -14.17
CA ILE A 26 -10.59 -2.08 -13.67
C ILE A 26 -9.62 -2.28 -14.84
N TYR A 27 -8.51 -1.54 -14.83
CA TYR A 27 -7.46 -1.68 -15.86
C TYR A 27 -6.17 -2.21 -15.24
N VAL A 28 -5.65 -3.29 -15.83
CA VAL A 28 -4.41 -3.88 -15.34
C VAL A 28 -3.32 -3.77 -16.40
N SER A 29 -2.16 -3.27 -15.98
CA SER A 29 -1.00 -3.12 -16.85
C SER A 29 -0.59 -4.46 -17.49
N ALA A 30 -0.22 -4.39 -18.77
CA ALA A 30 0.23 -5.56 -19.51
C ALA A 30 1.35 -5.19 -20.49
N ASP A 31 2.35 -6.06 -20.58
CA ASP A 31 3.47 -5.89 -21.50
C ASP A 31 3.89 -7.28 -22.00
N ASP A 32 4.80 -7.32 -22.97
CA ASP A 32 5.35 -8.58 -23.49
C ASP A 32 5.95 -9.40 -22.37
N PHE A 33 5.67 -10.70 -22.41
CA PHE A 33 6.15 -11.63 -21.41
C PHE A 33 7.67 -11.69 -21.36
N VAL A 34 8.22 -11.75 -20.14
CA VAL A 34 9.65 -11.93 -19.89
C VAL A 34 9.75 -13.15 -19.00
N GLU A 35 10.28 -14.26 -19.52
CA GLU A 35 10.25 -15.54 -18.79
C GLU A 35 11.16 -15.62 -17.56
N GLU A 36 12.13 -14.71 -17.48
CA GLU A 36 13.03 -14.62 -16.34
C GLU A 36 12.38 -13.95 -15.13
N GLN A 37 11.29 -13.22 -15.38
CA GLN A 37 10.63 -12.45 -14.34
C GLN A 37 9.44 -13.18 -13.72
N ASN A 38 9.24 -12.97 -12.41
CA ASN A 38 8.04 -13.44 -11.71
C ASN A 38 6.76 -12.84 -12.28
N VAL A 39 5.64 -13.53 -12.07
CA VAL A 39 4.32 -12.99 -12.33
C VAL A 39 3.57 -12.88 -11.00
N TYR A 40 3.08 -11.68 -10.68
CA TYR A 40 2.41 -11.44 -9.41
C TYR A 40 0.91 -11.45 -9.63
N VAL A 41 0.19 -12.18 -8.79
CA VAL A 41 -1.25 -12.37 -8.97
C VAL A 41 -2.03 -11.81 -7.77
N LEU A 42 -2.87 -10.82 -8.05
CA LEU A 42 -3.67 -10.17 -7.00
C LEU A 42 -5.10 -10.68 -7.00
N PRO A 43 -5.57 -11.25 -5.87
CA PRO A 43 -7.00 -11.62 -5.74
C PRO A 43 -7.94 -10.42 -5.85
N LYS A 44 -8.99 -10.56 -6.66
CA LYS A 44 -10.00 -9.51 -6.84
C LYS A 44 -10.66 -9.07 -5.52
N ASN A 45 -10.90 -10.02 -4.62
CA ASN A 45 -11.53 -9.70 -3.33
C ASN A 45 -10.70 -8.74 -2.46
N LEU A 46 -9.38 -8.87 -2.53
CA LEU A 46 -8.46 -7.97 -1.83
C LEU A 46 -8.46 -6.58 -2.43
N LEU A 47 -8.42 -6.49 -3.77
CA LEU A 47 -8.53 -5.21 -4.45
C LEU A 47 -9.83 -4.48 -4.08
N LYS A 48 -10.96 -5.19 -4.15
CA LYS A 48 -12.27 -4.65 -3.83
C LYS A 48 -12.31 -3.99 -2.43
N LYS A 49 -11.92 -4.73 -1.40
CA LYS A 49 -11.88 -4.20 -0.04
C LYS A 49 -10.88 -3.06 0.12
N PHE A 50 -9.69 -3.23 -0.46
CA PHE A 50 -8.63 -2.24 -0.33
C PHE A 50 -9.10 -0.90 -0.86
N ILE A 51 -9.75 -0.91 -2.03
CA ILE A 51 -10.34 0.31 -2.61
C ILE A 51 -11.49 0.90 -1.77
N GLU A 52 -12.38 0.02 -1.29
CA GLU A 52 -13.48 0.39 -0.39
C GLU A 52 -13.01 1.12 0.88
N ILE A 53 -11.87 0.73 1.42
CA ILE A 53 -11.34 1.36 2.63
C ILE A 53 -10.43 2.57 2.36
N SER A 54 -10.22 2.93 1.08
CA SER A 54 -9.26 3.99 0.74
C SER A 54 -9.92 5.38 0.76
N ASP A 55 -9.18 6.38 0.32
CA ASP A 55 -9.68 7.78 0.24
C ASP A 55 -9.64 8.32 -1.20
N VAL A 56 -10.55 9.23 -1.51
CA VAL A 56 -10.55 9.87 -2.82
C VAL A 56 -9.35 10.81 -3.03
N LYS A 57 -8.73 11.28 -1.94
CA LYS A 57 -7.71 12.32 -2.02
C LYS A 57 -6.35 11.90 -1.45
N ILE A 58 -6.38 11.27 -0.27
CA ILE A 58 -5.17 10.97 0.49
C ILE A 58 -4.71 9.54 0.19
N GLN A 59 -3.43 9.36 -0.09
CA GLN A 59 -2.88 8.00 -0.34
C GLN A 59 -3.01 7.06 0.85
N VAL A 60 -3.23 5.78 0.53
CA VAL A 60 -3.39 4.72 1.50
C VAL A 60 -2.52 3.55 1.01
N ALA A 61 -1.80 2.92 1.94
CA ALA A 61 -0.84 1.87 1.61
C ALA A 61 -0.96 0.61 2.50
N ALA A 62 -0.40 -0.50 2.02
CA ALA A 62 -0.38 -1.74 2.80
C ALA A 62 0.69 -2.68 2.27
N PHE A 63 1.09 -3.67 3.07
CA PHE A 63 2.09 -4.65 2.67
C PHE A 63 1.43 -5.86 2.03
N ILE A 64 2.10 -6.46 1.05
CA ILE A 64 1.60 -7.68 0.42
C ILE A 64 2.49 -8.88 0.74
N TYR A 65 1.85 -10.00 1.07
CA TYR A 65 2.51 -11.25 1.43
C TYR A 65 1.93 -12.42 0.63
N GLY A 66 2.76 -13.40 0.29
CA GLY A 66 2.25 -14.56 -0.43
C GLY A 66 3.26 -15.68 -0.64
N MET A 67 3.02 -16.49 -1.66
CA MET A 67 3.88 -17.64 -1.95
C MET A 67 3.69 -18.15 -3.39
N SER A 68 4.56 -19.07 -3.80
CA SER A 68 4.48 -19.65 -5.15
C SER A 68 3.18 -20.42 -5.38
N ALA A 69 2.72 -20.41 -6.62
CA ALA A 69 1.53 -21.15 -7.05
C ALA A 69 1.83 -22.63 -7.23
N LYS A 70 0.78 -23.41 -7.49
CA LYS A 70 0.87 -24.87 -7.69
C LYS A 70 1.39 -25.23 -9.08
N ASP A 71 0.92 -24.50 -10.10
CA ASP A 71 1.29 -24.74 -11.50
C ASP A 71 2.71 -24.29 -11.86
N HIS A 72 3.26 -23.32 -11.12
CA HIS A 72 4.54 -22.72 -11.50
C HIS A 72 5.20 -21.95 -10.34
N PRO A 73 6.50 -22.22 -10.08
CA PRO A 73 7.25 -21.54 -9.00
C PRO A 73 7.43 -20.03 -9.21
N LYS A 74 7.33 -19.56 -10.44
CA LYS A 74 7.53 -18.15 -10.74
C LYS A 74 6.24 -17.33 -10.78
N VAL A 75 5.14 -17.98 -10.43
CA VAL A 75 3.86 -17.31 -10.20
C VAL A 75 3.73 -17.08 -8.70
N LYS A 76 3.74 -15.82 -8.28
CA LYS A 76 3.57 -15.48 -6.88
C LYS A 76 2.13 -15.02 -6.62
N GLU A 77 1.38 -15.83 -5.89
CA GLU A 77 0.00 -15.52 -5.51
C GLU A 77 0.01 -14.72 -4.22
N ILE A 78 -0.66 -13.57 -4.25
CA ILE A 78 -0.73 -12.73 -3.05
C ILE A 78 -1.81 -13.32 -2.13
N LYS A 79 -1.41 -13.70 -0.91
CA LYS A 79 -2.31 -14.36 0.04
C LYS A 79 -2.97 -13.37 1.01
N THR A 80 -2.17 -12.42 1.48
CA THR A 80 -2.54 -11.54 2.60
C THR A 80 -2.09 -10.11 2.38
N VAL A 81 -2.96 -9.17 2.74
CA VAL A 81 -2.64 -7.74 2.77
C VAL A 81 -2.55 -7.31 4.24
N VAL A 82 -1.43 -6.68 4.61
CA VAL A 82 -1.25 -6.18 5.97
C VAL A 82 -1.34 -4.65 6.02
N LEU A 83 -2.44 -4.18 6.56
CA LEU A 83 -2.68 -2.76 6.73
C LEU A 83 -2.00 -2.35 8.02
N VAL A 84 -0.98 -1.51 7.93
CA VAL A 84 -0.22 -1.11 9.12
C VAL A 84 -0.52 0.37 9.47
N PRO A 85 -0.25 0.78 10.73
CA PRO A 85 -0.39 2.21 11.04
C PRO A 85 0.41 3.09 10.06
N GLN A 86 -0.22 4.18 9.61
CA GLN A 86 0.35 5.06 8.59
C GLN A 86 -0.20 6.46 8.76
N LEU A 87 0.44 7.42 8.12
CA LEU A 87 -0.06 8.80 8.10
C LEU A 87 -0.03 9.28 6.65
N GLY A 88 -1.20 9.37 6.04
CA GLY A 88 -1.30 9.66 4.61
C GLY A 88 -1.28 11.14 4.27
N HIS A 89 -0.84 11.42 3.05
CA HIS A 89 -0.81 12.77 2.49
C HIS A 89 -1.36 12.73 1.06
N VAL A 90 -1.65 13.91 0.49
CA VAL A 90 -1.84 13.99 -0.95
C VAL A 90 -0.46 13.79 -1.61
N GLY A 91 -0.33 12.71 -2.38
CA GLY A 91 0.94 12.48 -3.08
C GLY A 91 2.02 11.70 -2.38
N SER A 92 1.77 11.28 -1.13
CA SER A 92 2.73 10.47 -0.38
C SER A 92 2.08 9.84 0.85
N VAL A 93 2.78 8.89 1.48
CA VAL A 93 2.32 8.27 2.73
C VAL A 93 3.51 7.88 3.63
N GLN A 94 3.39 8.18 4.92
CA GLN A 94 4.36 7.73 5.92
C GLN A 94 3.92 6.38 6.47
N ILE A 95 4.63 5.34 6.07
CA ILE A 95 4.29 3.98 6.48
C ILE A 95 5.19 3.53 7.65
N SER A 96 4.59 2.87 8.65
CA SER A 96 5.35 2.22 9.73
C SER A 96 6.12 0.99 9.19
N ASN A 97 6.91 0.37 10.06
CA ASN A 97 7.89 -0.67 9.68
C ASN A 97 7.28 -1.97 9.14
N ILE A 98 8.10 -2.74 8.41
CA ILE A 98 7.70 -4.09 7.99
C ILE A 98 7.22 -4.82 9.24
N PRO A 99 5.98 -5.34 9.22
CA PRO A 99 5.31 -5.83 10.43
C PRO A 99 5.77 -7.21 10.91
N ASP A 100 5.72 -7.43 12.22
CA ASP A 100 5.95 -8.77 12.77
C ASP A 100 4.64 -9.55 12.94
N ILE A 101 4.44 -10.51 12.04
CA ILE A 101 3.23 -11.33 12.00
C ILE A 101 3.56 -12.81 12.25
N GLY A 102 4.75 -13.05 12.81
CA GLY A 102 5.26 -14.40 13.07
C GLY A 102 4.47 -15.18 14.11
N ASP A 103 3.89 -14.47 15.08
CA ASP A 103 3.09 -15.07 16.16
C ASP A 103 1.68 -15.52 15.73
N LEU A 104 1.27 -15.14 14.50
CA LEU A 104 -0.06 -15.46 13.97
C LEU A 104 -0.07 -16.79 13.20
N PRO A 105 -1.20 -17.53 13.25
CA PRO A 105 -1.28 -18.81 12.54
C PRO A 105 -1.32 -18.66 11.01
N ASP A 106 -0.91 -19.71 10.30
CA ASP A 106 -0.87 -19.76 8.83
C ASP A 106 0.02 -18.68 8.18
N THR A 107 0.92 -18.10 8.95
CA THR A 107 1.87 -17.10 8.43
C THR A 107 3.18 -17.76 8.00
N GLU A 108 3.38 -19.00 8.46
CA GLU A 108 4.53 -19.79 8.01
C GLU A 108 4.39 -20.13 6.52
N GLY A 109 5.47 -19.91 5.78
CA GLY A 109 5.47 -20.10 4.34
C GLY A 109 5.10 -18.85 3.55
N LEU A 110 4.87 -17.74 4.27
CA LEU A 110 4.56 -16.45 3.63
C LEU A 110 5.81 -15.61 3.41
N GLU A 111 6.00 -15.19 2.15
CA GLU A 111 7.09 -14.31 1.79
C GLU A 111 6.55 -12.88 1.70
N LEU A 112 7.34 -11.93 2.19
CA LEU A 112 7.09 -10.53 1.90
C LEU A 112 7.32 -10.28 0.41
N LEU A 113 6.28 -9.80 -0.28
CA LEU A 113 6.33 -9.57 -1.72
C LEU A 113 6.54 -8.11 -2.08
N GLY A 114 6.12 -7.21 -1.19
CA GLY A 114 6.25 -5.75 -1.42
C GLY A 114 5.13 -4.94 -0.80
N TRP A 115 4.69 -3.89 -1.49
CA TRP A 115 3.61 -3.04 -1.04
C TRP A 115 2.63 -2.68 -2.14
N ILE A 116 1.46 -2.21 -1.71
CA ILE A 116 0.37 -1.77 -2.60
C ILE A 116 -0.13 -0.42 -2.07
N HIS A 117 -0.49 0.49 -2.96
CA HIS A 117 -0.98 1.82 -2.54
C HIS A 117 -1.83 2.50 -3.63
N THR A 118 -2.65 3.46 -3.23
CA THR A 118 -3.42 4.26 -4.15
C THR A 118 -2.70 5.57 -4.45
N GLN A 119 -3.08 6.21 -5.56
CA GLN A 119 -2.55 7.52 -5.90
C GLN A 119 -3.52 8.24 -6.82
N THR A 120 -3.42 9.57 -6.86
CA THR A 120 -4.38 10.36 -7.60
C THR A 120 -3.79 11.05 -8.83
N GLU A 121 -2.57 10.67 -9.20
CA GLU A 121 -1.89 11.16 -10.40
C GLU A 121 -1.54 10.00 -11.31
N GLU A 122 -1.83 10.12 -12.60
CA GLU A 122 -1.51 9.06 -13.55
C GLU A 122 -0.04 9.17 -14.01
N LEU A 123 0.72 8.10 -13.77
CA LEU A 123 2.14 8.07 -14.14
C LEU A 123 2.46 6.76 -14.84
N LYS A 124 3.68 6.64 -15.36
CA LYS A 124 4.15 5.43 -16.03
C LYS A 124 5.42 4.89 -15.36
N PHE A 125 5.60 5.28 -14.09
CA PHE A 125 6.81 4.98 -13.31
C PHE A 125 6.48 5.30 -11.85
N MET A 126 7.37 4.92 -10.93
CA MET A 126 7.24 5.27 -9.52
C MET A 126 7.59 6.76 -9.35
N ALA A 127 6.74 7.51 -8.64
CA ALA A 127 7.04 8.92 -8.33
C ALA A 127 8.23 9.05 -7.36
N ALA A 128 8.76 10.27 -7.23
CA ALA A 128 9.84 10.58 -6.30
C ALA A 128 9.53 10.09 -4.87
N SER A 129 8.35 10.40 -4.36
CA SER A 129 7.95 9.95 -3.01
C SER A 129 7.83 8.42 -2.92
N GLU A 130 7.28 7.81 -3.96
CA GLU A 130 7.20 6.35 -4.07
C GLU A 130 8.57 5.72 -3.94
N VAL A 131 9.56 6.27 -4.66
CA VAL A 131 10.92 5.75 -4.66
C VAL A 131 11.56 5.85 -3.27
N ALA A 132 11.40 7.00 -2.62
CA ALA A 132 11.94 7.21 -1.28
C ALA A 132 11.34 6.26 -0.25
N THR A 133 10.02 6.10 -0.30
CA THR A 133 9.28 5.20 0.59
C THR A 133 9.71 3.74 0.41
N HIS A 134 9.79 3.33 -0.86
CA HIS A 134 10.19 1.97 -1.23
C HIS A 134 11.63 1.65 -0.77
N SER A 135 12.54 2.61 -0.93
N SER A 135 12.55 2.60 -0.95
CA SER A 135 13.93 2.45 -0.54
CA SER A 135 13.94 2.44 -0.53
C SER A 135 14.07 2.36 0.97
C SER A 135 14.04 2.33 0.98
N LYS A 136 13.37 3.23 1.68
CA LYS A 136 13.30 3.22 3.16
C LYS A 136 12.86 1.86 3.71
N LEU A 137 11.88 1.26 3.05
CA LEU A 137 11.31 -0.01 3.49
C LEU A 137 12.21 -1.19 3.13
N PHE A 138 12.68 -1.24 1.88
CA PHE A 138 13.25 -2.48 1.34
C PHE A 138 14.77 -2.51 1.05
N ALA A 139 15.44 -1.35 1.09
CA ALA A 139 16.85 -1.25 0.65
C ALA A 139 17.82 -2.20 1.37
N ASP A 140 17.68 -2.32 2.69
CA ASP A 140 18.54 -3.19 3.50
C ASP A 140 17.91 -4.54 3.81
N LYS A 141 16.73 -4.81 3.24
CA LYS A 141 15.93 -5.97 3.64
C LYS A 141 15.67 -6.97 2.52
N LYS A 142 15.11 -6.50 1.41
CA LYS A 142 14.65 -7.37 0.33
C LYS A 142 14.41 -6.56 -0.94
N ARG A 143 15.47 -6.34 -1.72
CA ARG A 143 15.41 -5.42 -2.85
C ARG A 143 14.52 -5.85 -4.03
N ASP A 144 14.21 -7.14 -4.12
CA ASP A 144 13.30 -7.63 -5.15
C ASP A 144 11.80 -7.35 -4.88
N CYS A 145 11.49 -6.70 -3.75
CA CYS A 145 10.10 -6.34 -3.45
C CYS A 145 9.51 -5.42 -4.52
N ILE A 146 8.23 -5.63 -4.83
CA ILE A 146 7.54 -4.83 -5.85
C ILE A 146 6.68 -3.69 -5.24
N ASP A 147 6.29 -2.75 -6.09
CA ASP A 147 5.37 -1.65 -5.77
C ASP A 147 4.15 -1.76 -6.68
N ILE A 148 3.00 -2.16 -6.14
CA ILE A 148 1.74 -2.15 -6.91
C ILE A 148 1.09 -0.77 -6.72
N SER A 149 1.06 0.03 -7.78
CA SER A 149 0.53 1.38 -7.76
C SER A 149 -0.85 1.41 -8.41
N ILE A 150 -1.83 1.96 -7.70
CA ILE A 150 -3.21 2.04 -8.19
C ILE A 150 -3.65 3.49 -8.42
N PHE A 151 -3.82 3.88 -9.69
CA PHE A 151 -4.38 5.20 -10.04
C PHE A 151 -5.90 5.14 -9.84
N SER A 152 -6.38 5.85 -8.82
CA SER A 152 -7.78 5.87 -8.43
C SER A 152 -8.37 7.21 -8.81
N THR A 153 -9.37 7.19 -9.71
CA THR A 153 -9.93 8.42 -10.29
C THR A 153 -11.44 8.21 -10.50
N PRO A 154 -12.25 9.29 -10.46
CA PRO A 154 -13.70 9.06 -10.69
C PRO A 154 -14.00 8.12 -11.85
N GLY A 155 -14.69 7.02 -11.53
CA GLY A 155 -15.11 6.04 -12.53
C GLY A 155 -14.27 4.77 -12.69
N SER A 156 -13.02 4.76 -12.20
CA SER A 156 -12.11 3.63 -12.48
C SER A 156 -10.88 3.53 -11.58
N VAL A 157 -10.24 2.35 -11.61
CA VAL A 157 -8.91 2.12 -11.03
C VAL A 157 -7.98 1.44 -12.05
N SER A 158 -6.71 1.86 -12.06
CA SER A 158 -5.69 1.32 -12.97
C SER A 158 -4.47 0.83 -12.18
N LEU A 159 -4.10 -0.43 -12.38
CA LEU A 159 -3.07 -1.08 -11.58
C LEU A 159 -1.78 -1.33 -12.40
N SER A 160 -0.65 -0.95 -11.83
CA SER A 160 0.66 -1.14 -12.44
C SER A 160 1.66 -1.58 -11.37
N ALA A 161 2.47 -2.59 -11.68
CA ALA A 161 3.49 -3.05 -10.72
C ALA A 161 4.88 -2.64 -11.19
N TYR A 162 5.74 -2.25 -10.24
CA TYR A 162 7.12 -1.79 -10.56
C TYR A 162 8.20 -2.44 -9.71
N ASN A 163 9.36 -2.63 -10.31
CA ASN A 163 10.59 -2.89 -9.58
C ASN A 163 11.39 -1.60 -9.52
N LEU A 164 12.21 -1.46 -8.48
CA LEU A 164 13.13 -0.34 -8.35
C LEU A 164 14.54 -0.81 -8.69
N THR A 165 15.22 -0.07 -9.56
CA THR A 165 16.62 -0.37 -9.93
C THR A 165 17.61 -0.01 -8.81
N ASP A 166 18.84 -0.52 -8.93
CA ASP A 166 19.89 -0.20 -7.96
C ASP A 166 20.16 1.32 -7.91
N GLU A 167 20.17 1.96 -9.07
CA GLU A 167 20.22 3.43 -9.15
C GLU A 167 19.08 4.08 -8.38
N GLY A 168 17.88 3.50 -8.49
CA GLY A 168 16.70 3.97 -7.77
C GLY A 168 16.88 3.89 -6.25
N TYR A 169 17.33 2.73 -5.77
CA TYR A 169 17.64 2.54 -4.34
C TYR A 169 18.72 3.51 -3.82
N GLN A 170 19.80 3.66 -4.60
N GLN A 170 19.80 3.70 -4.57
CA GLN A 170 20.90 4.58 -4.29
CA GLN A 170 20.87 4.60 -4.13
C GLN A 170 20.40 6.01 -4.01
C GLN A 170 20.37 6.05 -3.97
N TRP A 171 19.58 6.52 -4.93
CA TRP A 171 19.00 7.85 -4.83
C TRP A 171 17.97 7.95 -3.70
N GLY A 172 17.16 6.90 -3.54
CA GLY A 172 16.12 6.86 -2.51
C GLY A 172 16.71 6.97 -1.11
N GLU A 173 17.84 6.30 -0.90
CA GLU A 173 18.55 6.32 0.40
C GLU A 173 19.14 7.70 0.72
N GLU A 174 19.33 8.54 -0.29
CA GLU A 174 19.80 9.92 -0.07
C GLU A 174 18.65 10.89 0.25
N ASN A 175 17.41 10.39 0.22
CA ASN A 175 16.21 11.20 0.53
C ASN A 175 15.35 10.57 1.64
N LYS A 176 15.82 10.69 2.87
CA LYS A 176 15.35 9.89 4.01
C LYS A 176 13.98 10.28 4.56
N ASP A 177 13.73 11.57 4.69
CA ASP A 177 12.41 12.06 5.08
C ASP A 177 11.82 12.93 3.97
N ILE A 178 10.54 12.68 3.69
CA ILE A 178 9.92 13.20 2.48
C ILE A 178 9.31 14.60 2.61
N MET A 179 9.63 15.42 1.61
CA MET A 179 8.92 16.65 1.34
C MET A 179 9.27 16.99 -0.11
N ASN A 180 8.27 16.89 -0.99
CA ASN A 180 8.52 16.93 -2.43
C ASN A 180 8.92 18.31 -2.97
N VAL A 181 9.06 19.28 -2.07
CA VAL A 181 9.75 20.52 -2.42
C VAL A 181 11.22 20.12 -2.57
N LEU A 182 11.50 19.39 -3.64
CA LEU A 182 12.68 18.54 -3.70
C LEU A 182 12.78 17.90 -5.09
N SER A 183 13.01 16.58 -5.11
CA SER A 183 13.10 15.78 -6.34
C SER A 183 14.33 16.04 -7.21
N GLU A 184 15.32 16.76 -6.68
CA GLU A 184 16.60 16.91 -7.36
C GLU A 184 17.24 15.53 -7.58
N GLY A 185 17.59 15.23 -8.83
CA GLY A 185 18.22 13.97 -9.18
C GLY A 185 17.25 12.84 -9.40
N PHE A 186 15.96 13.11 -9.21
CA PHE A 186 14.94 12.11 -9.50
C PHE A 186 14.90 11.80 -11.00
N GLU A 187 14.84 10.50 -11.31
CA GLU A 187 14.72 10.00 -12.68
C GLU A 187 13.52 9.04 -12.80
N PRO A 188 12.57 9.35 -13.70
CA PRO A 188 11.48 8.40 -14.01
C PRO A 188 11.98 7.00 -14.40
N THR A 189 13.20 6.91 -14.93
CA THR A 189 13.80 5.61 -15.34
C THR A 189 14.38 4.79 -14.18
N PHE A 190 14.23 5.28 -12.94
CA PHE A 190 14.57 4.52 -11.73
C PHE A 190 13.72 3.25 -11.53
N SER A 191 12.57 3.16 -12.21
CA SER A 191 11.71 1.98 -12.07
C SER A 191 11.49 1.24 -13.37
N THR A 192 11.27 -0.07 -13.24
CA THR A 192 10.97 -0.94 -14.38
C THR A 192 9.63 -1.67 -14.18
N HIS A 193 9.03 -2.11 -15.29
CA HIS A 193 7.73 -2.81 -15.30
C HIS A 193 7.87 -4.20 -14.69
N ALA A 194 7.02 -4.50 -13.72
CA ALA A 194 6.89 -5.87 -13.19
C ALA A 194 5.56 -6.45 -13.69
N GLN A 195 5.49 -7.77 -13.76
CA GLN A 195 4.35 -8.47 -14.37
C GLN A 195 3.24 -8.74 -13.34
N LEU A 196 2.06 -8.19 -13.62
CA LEU A 196 0.91 -8.27 -12.70
C LEU A 196 -0.33 -8.85 -13.38
N LEU A 197 -1.05 -9.70 -12.64
CA LEU A 197 -2.35 -10.23 -13.03
C LEU A 197 -3.39 -10.04 -11.93
N LEU A 198 -4.61 -9.70 -12.32
CA LEU A 198 -5.77 -9.72 -11.42
C LEU A 198 -6.54 -11.02 -11.62
N SER A 199 -6.96 -11.64 -10.52
CA SER A 199 -7.65 -12.93 -10.57
C SER A 199 -8.77 -13.11 -9.56
N ASP A 200 -9.95 -13.49 -10.04
CA ASP A 200 -11.06 -13.91 -9.17
C ASP A 200 -11.11 -15.44 -8.99
N ARG A 201 -10.07 -16.12 -9.44
CA ARG A 201 -9.93 -17.57 -9.26
C ARG A 201 -9.16 -17.91 -7.99
N ILE A 202 -8.66 -16.89 -7.29
CA ILE A 202 -8.04 -17.03 -5.96
C ILE A 202 -8.61 -15.96 -5.01
N THR A 203 -8.47 -16.19 -3.69
N THR A 203 -8.44 -16.20 -3.70
CA THR A 203 -8.97 -15.26 -2.68
CA THR A 203 -8.96 -15.31 -2.66
C THR A 203 -7.94 -15.03 -1.57
C THR A 203 -7.84 -14.97 -1.66
N GLY A 204 -8.02 -13.87 -0.92
CA GLY A 204 -7.07 -13.48 0.12
C GLY A 204 -7.72 -12.91 1.37
N ASN A 205 -6.90 -12.61 2.37
CA ASN A 205 -7.38 -12.02 3.62
C ASN A 205 -6.56 -10.82 4.10
N PHE A 206 -6.98 -10.22 5.21
CA PHE A 206 -6.33 -9.05 5.80
C PHE A 206 -5.79 -9.31 7.20
N ILE A 207 -4.60 -8.79 7.46
CA ILE A 207 -4.09 -8.63 8.81
C ILE A 207 -4.15 -7.12 9.14
N ILE A 208 -4.62 -6.79 10.33
CA ILE A 208 -4.81 -5.41 10.78
C ILE A 208 -4.10 -5.18 12.14
N PRO A 209 -3.92 -3.90 12.54
CA PRO A 209 -3.34 -3.64 13.86
C PRO A 209 -4.21 -4.20 14.99
N SER A 210 -3.58 -4.61 16.09
CA SER A 210 -4.30 -5.18 17.24
C SER A 210 -5.39 -4.24 17.81
N GLY A 211 -5.14 -2.94 17.77
CA GLY A 211 -6.13 -1.96 18.21
C GLY A 211 -7.06 -1.46 17.11
N ASN A 212 -7.08 -2.17 15.98
CA ASN A 212 -7.97 -1.92 14.83
C ASN A 212 -7.63 -0.71 13.94
N VAL A 213 -7.39 0.43 14.57
CA VAL A 213 -7.08 1.67 13.87
C VAL A 213 -5.76 1.60 13.08
N TRP A 214 -5.81 2.15 11.88
CA TRP A 214 -4.63 2.18 11.02
C TRP A 214 -4.39 3.55 10.42
N ASN A 215 -5.45 4.34 10.29
CA ASN A 215 -5.36 5.66 9.68
C ASN A 215 -5.06 6.72 10.73
N TYR A 216 -3.79 7.15 10.79
CA TYR A 216 -3.36 8.20 11.74
C TYR A 216 -3.19 9.60 11.11
N THR A 217 -3.72 9.80 9.90
CA THR A 217 -3.65 11.10 9.21
C THR A 217 -4.09 12.29 10.08
N PHE A 218 -5.12 12.06 10.88
CA PHE A 218 -5.70 13.11 11.72
C PHE A 218 -5.43 12.86 13.20
N MET A 219 -4.54 11.90 13.48
CA MET A 219 -4.08 11.60 14.85
C MET A 219 -2.54 11.56 14.91
N GLY A 220 -1.90 12.59 14.36
CA GLY A 220 -0.46 12.61 14.13
C GLY A 220 0.38 12.45 15.39
N THR A 221 -0.08 13.07 16.48
CA THR A 221 0.65 13.00 17.75
C THR A 221 0.69 11.59 18.36
N ALA A 222 -0.26 10.75 18.00
CA ALA A 222 -0.36 9.38 18.51
C ALA A 222 0.35 8.36 17.62
N PHE A 223 0.69 8.77 16.39
CA PHE A 223 1.41 7.93 15.45
C PHE A 223 2.85 7.71 15.91
N ASN A 224 3.32 6.46 15.82
CA ASN A 224 4.68 6.11 16.18
C ASN A 224 5.29 5.38 15.00
N GLN A 225 5.90 6.13 14.08
CA GLN A 225 6.38 5.53 12.83
C GLN A 225 7.34 4.37 13.09
N GLU A 226 8.18 4.53 14.12
CA GLU A 226 9.12 3.49 14.53
C GLU A 226 8.55 2.61 15.65
N GLY A 227 7.22 2.56 15.75
CA GLY A 227 6.55 1.77 16.77
C GLY A 227 6.62 0.28 16.53
N ASP A 228 6.63 -0.48 17.64
CA ASP A 228 6.58 -1.93 17.61
C ASP A 228 5.11 -2.36 17.80
N TYR A 229 4.35 -2.39 16.71
CA TYR A 229 2.91 -2.70 16.76
C TYR A 229 2.59 -4.19 16.72
N ASN A 230 1.46 -4.55 17.31
CA ASN A 230 0.95 -5.92 17.26
C ASN A 230 -0.18 -6.06 16.24
N PHE A 231 -0.35 -7.27 15.72
CA PHE A 231 -1.24 -7.54 14.58
C PHE A 231 -2.17 -8.73 14.79
N LYS A 232 -3.27 -8.76 14.03
CA LYS A 232 -4.24 -9.86 14.07
C LYS A 232 -4.95 -9.99 12.71
N TYR A 233 -5.48 -11.17 12.39
CA TYR A 233 -6.43 -11.30 11.28
C TYR A 233 -7.70 -10.51 11.56
N GLY A 234 -8.25 -9.85 10.55
CA GLY A 234 -9.46 -9.06 10.73
C GLY A 234 -9.97 -8.30 9.52
N ILE A 235 -11.04 -7.56 9.72
CA ILE A 235 -11.66 -6.75 8.68
C ILE A 235 -11.22 -5.29 8.86
N PRO A 236 -10.54 -4.72 7.85
CA PRO A 236 -10.03 -3.38 8.01
C PRO A 236 -11.14 -2.32 8.00
N LEU A 237 -11.00 -1.32 8.87
CA LEU A 237 -11.89 -0.17 8.89
C LEU A 237 -11.64 0.76 7.70
N GLU A 238 -12.67 1.52 7.34
CA GLU A 238 -12.60 2.47 6.24
C GLU A 238 -11.90 3.74 6.75
N PHE A 239 -11.42 4.56 5.82
CA PHE A 239 -10.54 5.71 6.08
C PHE A 239 -11.18 6.69 7.08
N TYR A 240 -12.44 7.06 6.81
CA TYR A 240 -13.18 7.97 7.69
C TYR A 240 -14.09 7.28 8.71
N ASN A 241 -13.80 6.01 9.05
CA ASN A 241 -14.41 5.39 10.25
C ASN A 241 -14.20 6.31 11.44
N GLU A 242 -15.24 6.43 12.29
CA GLU A 242 -15.23 7.27 13.49
C GLU A 242 -14.10 6.93 14.46
N MET A 243 -13.65 5.67 14.49
CA MET A 243 -12.47 5.30 15.27
C MET A 243 -11.19 6.00 14.83
N HIS A 244 -11.18 6.57 13.61
CA HIS A 244 -10.02 7.32 13.10
C HIS A 244 -10.09 8.83 13.42
N ARG A 245 -11.18 9.25 14.04
CA ARG A 245 -11.36 10.67 14.41
C ARG A 245 -10.59 11.00 15.69
N PRO A 246 -9.82 12.12 15.68
CA PRO A 246 -9.10 12.52 16.88
C PRO A 246 -10.04 12.98 17.99
N VAL A 247 -9.74 12.52 19.21
CA VAL A 247 -10.46 12.89 20.43
C VAL A 247 -9.44 13.32 21.47
N HIS A 248 -9.86 14.12 22.43
CA HIS A 248 -8.96 14.62 23.46
C HIS A 248 -9.47 14.32 24.85
N PHE A 249 -8.54 14.04 25.76
CA PHE A 249 -8.86 13.83 27.17
C PHE A 249 -8.06 14.74 28.08
N LEU A 250 -8.68 15.20 29.16
CA LEU A 250 -7.98 15.80 30.29
C LEU A 250 -7.73 14.69 31.32
N GLN A 251 -6.49 14.60 31.78
CA GLN A 251 -6.05 13.50 32.67
C GLN A 251 -5.89 13.92 34.12
N PHE A 252 -6.34 13.08 35.05
CA PHE A 252 -6.04 13.25 36.48
C PHE A 252 -5.47 11.95 37.06
N SER A 253 -4.14 11.88 37.19
CA SER A 253 -3.48 10.76 37.87
C SER A 253 -2.78 11.19 39.17
#